data_5EYZ
#
_entry.id   5EYZ
#
_cell.length_a   77.710
_cell.length_b   80.880
_cell.length_c   170.230
_cell.angle_alpha   90.000
_cell.angle_beta   90.000
_cell.angle_gamma   90.000
#
_symmetry.space_group_name_H-M   'C 2 2 21'
#
loop_
_entity.id
_entity.type
_entity.pdbx_description
1 polymer 'Tyrosine-protein phosphatase non-receptor type 4'
2 polymer CYTO8-RETEV
3 non-polymer 'CHLORIDE ION'
4 water water
#
loop_
_entity_poly.entity_id
_entity_poly.type
_entity_poly.pdbx_seq_one_letter_code
_entity_poly.pdbx_strand_id
1 'polypeptide(L)'
;GSSPEKPTPNGGIPHDNLVLIRMKPDENGRFGFNVKGGYDQKMPVIVSRVAPGTPADLCVPRLNEGDQVVLINGRDIAEH
THDQVVLFIKASCERHSGELMLLVRPN
;
A,B,C,D
2 'polypeptide(L)' SWESHKSGRETEV E,F,G,H
#
# COMPACT_ATOMS: atom_id res chain seq x y z
N HIS A 15 4.50 -6.16 20.17
CA HIS A 15 4.24 -7.50 20.65
C HIS A 15 5.54 -8.30 20.78
N ASP A 16 6.05 -8.44 22.04
CA ASP A 16 7.30 -9.13 22.41
C ASP A 16 8.55 -8.50 21.77
N ASN A 17 9.74 -9.13 21.96
CA ASN A 17 10.98 -8.63 21.37
C ASN A 17 11.02 -9.02 19.89
N LEU A 18 11.05 -8.02 18.99
CA LEU A 18 11.05 -8.26 17.54
C LEU A 18 12.32 -7.79 16.87
N VAL A 19 12.80 -8.59 15.91
CA VAL A 19 14.02 -8.32 15.15
C VAL A 19 13.68 -8.12 13.67
N LEU A 20 14.12 -6.98 13.09
CA LEU A 20 13.90 -6.66 11.69
C LEU A 20 15.10 -7.16 10.89
N ILE A 21 14.86 -8.06 9.93
CA ILE A 21 15.90 -8.67 9.12
C ILE A 21 15.74 -8.36 7.63
N ARG A 22 16.83 -7.91 6.99
CA ARG A 22 16.88 -7.60 5.56
C ARG A 22 17.97 -8.44 4.88
N MET A 23 17.64 -9.07 3.74
CA MET A 23 18.56 -9.92 3.00
C MET A 23 18.29 -9.95 1.50
N LYS A 24 19.35 -9.96 0.70
CA LYS A 24 19.30 -10.04 -0.76
C LYS A 24 19.47 -11.51 -1.18
N PRO A 25 18.73 -12.02 -2.19
CA PRO A 25 18.90 -13.43 -2.59
C PRO A 25 20.22 -13.69 -3.32
N ASP A 26 20.61 -14.97 -3.45
CA ASP A 26 21.82 -15.36 -4.17
C ASP A 26 21.59 -15.33 -5.70
N GLU A 27 22.52 -15.91 -6.50
CA GLU A 27 22.42 -15.98 -7.96
C GLU A 27 21.25 -16.85 -8.44
N ASN A 28 20.84 -17.84 -7.62
CA ASN A 28 19.71 -18.74 -7.91
C ASN A 28 18.39 -18.25 -7.31
N GLY A 29 18.41 -17.06 -6.69
CA GLY A 29 17.25 -16.44 -6.08
C GLY A 29 16.87 -17.05 -4.74
N ARG A 30 17.83 -17.74 -4.10
CA ARG A 30 17.63 -18.41 -2.81
C ARG A 30 18.22 -17.60 -1.66
N PHE A 31 17.63 -17.77 -0.46
CA PHE A 31 18.08 -17.07 0.75
C PHE A 31 18.85 -17.99 1.70
N GLY A 32 18.71 -19.30 1.50
CA GLY A 32 19.38 -20.31 2.30
C GLY A 32 18.73 -20.63 3.63
N PHE A 33 17.40 -20.48 3.71
CA PHE A 33 16.66 -20.82 4.92
C PHE A 33 15.43 -21.68 4.62
N ASN A 34 14.98 -22.46 5.63
CA ASN A 34 13.81 -23.32 5.51
C ASN A 34 12.67 -22.82 6.40
N VAL A 35 11.43 -22.94 5.90
CA VAL A 35 10.23 -22.55 6.62
C VAL A 35 9.32 -23.74 6.91
N LYS A 36 8.72 -23.74 8.11
CA LYS A 36 7.77 -24.73 8.58
C LYS A 36 6.57 -23.98 9.16
N GLY A 37 5.43 -24.66 9.26
CA GLY A 37 4.22 -24.09 9.82
C GLY A 37 3.37 -23.28 8.84
N GLY A 38 2.33 -22.67 9.38
CA GLY A 38 1.35 -21.87 8.65
C GLY A 38 -0.04 -22.15 9.17
N TYR A 39 -1.04 -21.37 8.71
CA TYR A 39 -2.43 -21.50 9.16
C TYR A 39 -3.00 -22.91 8.92
N ASP A 40 -2.76 -23.49 7.73
CA ASP A 40 -3.22 -24.84 7.34
C ASP A 40 -2.56 -25.94 8.18
N GLN A 41 -1.30 -25.70 8.63
CA GLN A 41 -0.52 -26.64 9.45
C GLN A 41 -0.84 -26.53 10.94
N LYS A 42 -1.67 -25.53 11.35
CA LYS A 42 -2.07 -25.24 12.73
C LYS A 42 -0.88 -24.96 13.67
N MET A 43 0.23 -24.47 13.09
CA MET A 43 1.48 -24.15 13.76
C MET A 43 2.01 -22.78 13.28
N PRO A 44 2.78 -22.02 14.10
CA PRO A 44 3.30 -20.73 13.61
C PRO A 44 4.39 -20.89 12.55
N VAL A 45 4.64 -19.85 11.74
CA VAL A 45 5.67 -19.88 10.70
C VAL A 45 7.04 -19.74 11.37
N ILE A 46 7.77 -20.86 11.45
CA ILE A 46 9.07 -20.97 12.11
C ILE A 46 10.20 -21.23 11.10
N VAL A 47 11.38 -20.63 11.35
CA VAL A 47 12.59 -20.85 10.56
C VAL A 47 13.18 -22.17 11.12
N SER A 48 13.06 -23.26 10.34
CA SER A 48 13.50 -24.60 10.75
C SER A 48 14.98 -24.90 10.48
N ARG A 49 15.58 -24.25 9.47
CA ARG A 49 16.98 -24.45 9.10
C ARG A 49 17.59 -23.20 8.44
N VAL A 50 18.88 -22.97 8.67
CA VAL A 50 19.67 -21.88 8.08
C VAL A 50 20.98 -22.51 7.60
N ALA A 51 21.13 -22.63 6.26
CA ALA A 51 22.31 -23.22 5.63
C ALA A 51 23.56 -22.33 5.77
N PRO A 52 24.78 -22.92 5.95
CA PRO A 52 25.97 -22.08 6.13
C PRO A 52 26.43 -21.31 4.89
N GLY A 53 26.92 -20.09 5.12
CA GLY A 53 27.43 -19.19 4.09
C GLY A 53 26.41 -18.66 3.10
N THR A 54 25.13 -18.70 3.47
CA THR A 54 24.01 -18.25 2.64
C THR A 54 23.53 -16.86 3.12
N PRO A 55 22.73 -16.09 2.31
CA PRO A 55 22.27 -14.76 2.78
C PRO A 55 21.64 -14.71 4.17
N ALA A 56 20.80 -15.71 4.53
CA ALA A 56 20.15 -15.80 5.84
C ALA A 56 21.14 -15.99 6.98
N ASP A 57 22.28 -16.64 6.68
CA ASP A 57 23.36 -16.91 7.62
C ASP A 57 24.32 -15.72 7.74
N LEU A 58 24.57 -15.02 6.63
CA LEU A 58 25.50 -13.88 6.57
C LEU A 58 24.94 -12.50 6.93
N CYS A 59 23.60 -12.33 6.87
CA CYS A 59 22.95 -11.04 7.18
C CYS A 59 23.10 -10.62 8.65
N VAL A 60 23.18 -9.30 8.90
CA VAL A 60 23.32 -8.74 10.25
C VAL A 60 22.16 -7.75 10.50
N PRO A 61 21.21 -8.03 11.45
CA PRO A 61 21.12 -9.20 12.34
C PRO A 61 20.83 -10.52 11.62
N ARG A 62 21.34 -11.63 12.18
CA ARG A 62 21.21 -12.97 11.62
C ARG A 62 19.83 -13.61 11.82
N LEU A 63 19.37 -14.36 10.81
CA LEU A 63 18.13 -15.13 10.88
C LEU A 63 18.52 -16.47 11.50
N ASN A 64 17.94 -16.77 12.68
CA ASN A 64 18.26 -17.98 13.44
C ASN A 64 17.16 -19.03 13.39
N GLU A 65 17.54 -20.30 13.65
CA GLU A 65 16.60 -21.43 13.71
C GLU A 65 15.74 -21.27 14.96
N GLY A 66 14.43 -21.46 14.78
CA GLY A 66 13.46 -21.30 15.86
C GLY A 66 12.75 -19.97 15.85
N ASP A 67 13.22 -19.02 15.00
CA ASP A 67 12.64 -17.68 14.86
C ASP A 67 11.25 -17.75 14.23
N GLN A 68 10.28 -17.05 14.85
CA GLN A 68 8.91 -17.00 14.37
C GLN A 68 8.74 -15.82 13.42
N VAL A 69 8.35 -16.09 12.17
CA VAL A 69 8.14 -15.06 11.17
C VAL A 69 6.80 -14.37 11.46
N VAL A 70 6.85 -13.03 11.63
CA VAL A 70 5.67 -12.20 11.93
C VAL A 70 5.26 -11.42 10.68
N LEU A 71 6.21 -10.73 10.03
CA LEU A 71 5.96 -9.96 8.81
C LEU A 71 6.93 -10.36 7.69
N ILE A 72 6.41 -10.43 6.45
CA ILE A 72 7.18 -10.70 5.23
C ILE A 72 6.91 -9.48 4.36
N ASN A 73 7.94 -8.62 4.17
CA ASN A 73 7.87 -7.37 3.42
C ASN A 73 6.74 -6.46 3.96
N GLY A 74 6.57 -6.49 5.28
CA GLY A 74 5.58 -5.72 6.02
C GLY A 74 4.18 -6.32 6.10
N ARG A 75 3.96 -7.47 5.46
CA ARG A 75 2.66 -8.14 5.43
C ARG A 75 2.50 -9.10 6.61
N ASP A 76 1.35 -9.03 7.31
CA ASP A 76 1.01 -9.91 8.43
C ASP A 76 0.59 -11.26 7.87
N ILE A 77 1.37 -12.30 8.18
CA ILE A 77 1.18 -13.67 7.68
C ILE A 77 0.54 -14.65 8.69
N ALA A 78 0.00 -14.13 9.81
CA ALA A 78 -0.63 -14.90 10.90
C ALA A 78 -1.73 -15.87 10.45
N GLU A 79 -2.61 -15.43 9.53
CA GLU A 79 -3.71 -16.26 9.02
C GLU A 79 -3.42 -16.89 7.63
N HIS A 80 -2.19 -16.77 7.15
CA HIS A 80 -1.82 -17.34 5.86
C HIS A 80 -1.33 -18.77 5.92
N THR A 81 -1.56 -19.47 4.83
CA THR A 81 -1.16 -20.88 4.72
C THR A 81 0.34 -21.00 4.42
N HIS A 82 0.89 -22.23 4.47
CA HIS A 82 2.30 -22.52 4.19
C HIS A 82 2.69 -22.10 2.77
N ASP A 83 1.86 -22.48 1.76
CA ASP A 83 2.07 -22.15 0.35
C ASP A 83 2.05 -20.66 0.08
N GLN A 84 1.14 -19.90 0.74
CA GLN A 84 1.01 -18.45 0.59
C GLN A 84 2.28 -17.74 1.09
N VAL A 85 2.79 -18.18 2.26
CA VAL A 85 4.01 -17.68 2.90
C VAL A 85 5.21 -17.84 1.94
N VAL A 86 5.33 -19.04 1.32
CA VAL A 86 6.38 -19.38 0.34
C VAL A 86 6.29 -18.43 -0.87
N LEU A 87 5.06 -18.21 -1.40
CA LEU A 87 4.81 -17.33 -2.54
C LEU A 87 5.20 -15.87 -2.22
N PHE A 88 4.93 -15.41 -0.97
CA PHE A 88 5.29 -14.07 -0.51
C PHE A 88 6.81 -13.88 -0.44
N ILE A 89 7.53 -14.93 0.02
CA ILE A 89 9.00 -14.93 0.12
C ILE A 89 9.60 -14.87 -1.29
N LYS A 90 9.04 -15.63 -2.24
CA LYS A 90 9.49 -15.70 -3.63
C LYS A 90 9.07 -14.48 -4.48
N ALA A 91 8.09 -13.68 -4.01
CA ALA A 91 7.61 -12.49 -4.72
C ALA A 91 8.67 -11.36 -4.65
N SER A 92 9.57 -11.34 -5.65
CA SER A 92 10.69 -10.39 -5.74
C SER A 92 10.27 -8.93 -5.88
N CYS A 93 9.13 -8.67 -6.55
CA CYS A 93 8.61 -7.31 -6.75
C CYS A 93 8.17 -6.62 -5.44
N GLU A 94 7.84 -7.41 -4.41
CA GLU A 94 7.41 -6.92 -3.10
C GLU A 94 8.59 -6.60 -2.17
N ARG A 95 9.83 -6.83 -2.65
CA ARG A 95 11.06 -6.55 -1.90
C ARG A 95 11.48 -5.09 -2.13
N HIS A 96 11.77 -4.37 -1.04
CA HIS A 96 12.19 -2.97 -1.10
C HIS A 96 13.53 -2.76 -0.37
N SER A 97 14.63 -2.46 -1.10
CA SER A 97 14.71 -2.32 -2.56
C SER A 97 15.57 -3.48 -3.08
N GLY A 98 14.91 -4.60 -3.36
CA GLY A 98 15.54 -5.83 -3.80
C GLY A 98 15.91 -6.74 -2.63
N GLU A 99 15.65 -6.26 -1.40
CA GLU A 99 15.93 -6.97 -0.15
C GLU A 99 14.65 -7.52 0.46
N LEU A 100 14.66 -8.80 0.85
CA LEU A 100 13.52 -9.43 1.51
C LEU A 100 13.50 -8.95 2.97
N MET A 101 12.37 -8.37 3.39
CA MET A 101 12.20 -7.88 4.75
C MET A 101 11.46 -8.94 5.57
N LEU A 102 12.01 -9.28 6.74
CA LEU A 102 11.40 -10.24 7.65
C LEU A 102 11.42 -9.69 9.08
N LEU A 103 10.24 -9.61 9.71
CA LEU A 103 10.14 -9.22 11.12
C LEU A 103 9.95 -10.53 11.86
N VAL A 104 10.92 -10.88 12.70
CA VAL A 104 10.92 -12.14 13.43
C VAL A 104 10.87 -11.99 14.95
N ARG A 105 10.37 -13.05 15.62
CA ARG A 105 10.31 -13.15 17.07
C ARG A 105 11.24 -14.30 17.48
N PRO A 106 12.41 -14.02 18.12
CA PRO A 106 13.33 -15.10 18.50
C PRO A 106 12.78 -16.00 19.61
N ASN A 107 13.05 -17.32 19.49
CA ASN A 107 12.61 -18.34 20.46
C ASN A 107 13.67 -19.42 20.63
N PRO B 14 -6.16 -16.23 -27.25
CA PRO B 14 -5.04 -17.17 -27.42
C PRO B 14 -4.77 -17.54 -28.88
N HIS B 15 -5.56 -16.97 -29.83
CA HIS B 15 -5.45 -17.25 -31.26
C HIS B 15 -4.79 -16.11 -32.06
N ASP B 16 -5.54 -15.02 -32.30
CA ASP B 16 -5.09 -13.85 -33.06
C ASP B 16 -5.34 -12.53 -32.29
N ASN B 17 -5.14 -11.34 -32.96
CA ASN B 17 -5.29 -9.99 -32.38
C ASN B 17 -4.35 -9.78 -31.17
N LEU B 18 -3.32 -10.64 -31.04
CA LEU B 18 -2.37 -10.66 -29.93
C LEU B 18 -1.49 -9.42 -29.88
N VAL B 19 -1.38 -8.86 -28.67
CA VAL B 19 -0.64 -7.63 -28.37
C VAL B 19 0.44 -7.91 -27.32
N LEU B 20 1.69 -7.58 -27.66
CA LEU B 20 2.84 -7.76 -26.78
C LEU B 20 3.10 -6.45 -26.01
N ILE B 21 2.98 -6.49 -24.67
CA ILE B 21 3.14 -5.34 -23.78
C ILE B 21 4.34 -5.53 -22.85
N ARG B 22 5.23 -4.52 -22.81
CA ARG B 22 6.41 -4.49 -21.94
C ARG B 22 6.27 -3.31 -20.97
N MET B 23 6.29 -3.59 -19.66
CA MET B 23 6.15 -2.56 -18.63
C MET B 23 7.09 -2.74 -17.43
N LYS B 24 7.53 -1.61 -16.85
CA LYS B 24 8.40 -1.56 -15.68
C LYS B 24 7.55 -1.24 -14.44
N PRO B 25 7.86 -1.81 -13.25
CA PRO B 25 7.02 -1.50 -12.08
C PRO B 25 7.34 -0.13 -11.47
N ASP B 26 6.48 0.35 -10.54
CA ASP B 26 6.70 1.61 -9.84
C ASP B 26 7.77 1.45 -8.73
N GLU B 27 7.89 2.45 -7.84
CA GLU B 27 8.85 2.44 -6.72
C GLU B 27 8.54 1.34 -5.68
N ASN B 28 7.26 0.94 -5.58
CA ASN B 28 6.77 -0.09 -4.66
C ASN B 28 6.75 -1.49 -5.30
N GLY B 29 7.20 -1.58 -6.55
CA GLY B 29 7.26 -2.82 -7.32
C GLY B 29 5.93 -3.31 -7.82
N ARG B 30 4.95 -2.40 -7.98
CA ARG B 30 3.61 -2.74 -8.47
C ARG B 30 3.38 -2.24 -9.89
N PHE B 31 2.68 -3.04 -10.70
CA PHE B 31 2.38 -2.72 -12.09
C PHE B 31 1.06 -1.94 -12.26
N GLY B 32 0.21 -2.02 -11.24
CA GLY B 32 -1.07 -1.31 -11.20
C GLY B 32 -2.24 -2.00 -11.89
N PHE B 33 -2.25 -3.34 -11.89
CA PHE B 33 -3.35 -4.09 -12.48
C PHE B 33 -3.77 -5.29 -11.63
N ASN B 34 -5.00 -5.78 -11.87
CA ASN B 34 -5.56 -6.92 -11.15
C ASN B 34 -5.79 -8.11 -12.08
N VAL B 35 -5.51 -9.32 -11.58
CA VAL B 35 -5.69 -10.56 -12.33
C VAL B 35 -6.76 -11.46 -11.71
N LYS B 36 -7.55 -12.10 -12.58
CA LYS B 36 -8.59 -13.06 -12.23
C LYS B 36 -8.39 -14.30 -13.11
N GLY B 37 -8.85 -15.44 -12.62
CA GLY B 37 -8.77 -16.70 -13.36
C GLY B 37 -7.53 -17.53 -13.12
N GLY B 38 -7.43 -18.61 -13.89
CA GLY B 38 -6.35 -19.58 -13.82
C GLY B 38 -6.91 -20.98 -13.98
N TYR B 39 -6.03 -21.98 -14.13
CA TYR B 39 -6.44 -23.39 -14.31
C TYR B 39 -7.31 -23.91 -13.16
N ASP B 40 -6.90 -23.65 -11.90
CA ASP B 40 -7.63 -24.06 -10.70
C ASP B 40 -9.01 -23.41 -10.58
N GLN B 41 -9.16 -22.19 -11.12
CA GLN B 41 -10.41 -21.42 -11.12
C GLN B 41 -11.35 -21.79 -12.30
N LYS B 42 -10.86 -22.65 -13.23
CA LYS B 42 -11.57 -23.14 -14.43
C LYS B 42 -12.02 -21.98 -15.36
N MET B 43 -11.24 -20.88 -15.33
CA MET B 43 -11.50 -19.65 -16.11
C MET B 43 -10.19 -19.11 -16.70
N PRO B 44 -10.21 -18.44 -17.88
CA PRO B 44 -8.95 -17.90 -18.43
C PRO B 44 -8.41 -16.74 -17.60
N VAL B 45 -7.09 -16.46 -17.72
CA VAL B 45 -6.46 -15.36 -16.99
C VAL B 45 -6.85 -14.04 -17.65
N ILE B 46 -7.66 -13.24 -16.93
CA ILE B 46 -8.21 -11.97 -17.41
C ILE B 46 -7.72 -10.79 -16.54
N VAL B 47 -7.41 -9.65 -17.19
CA VAL B 47 -7.03 -8.41 -16.51
C VAL B 47 -8.37 -7.81 -16.04
N SER B 48 -8.69 -7.98 -14.75
CA SER B 48 -9.95 -7.54 -14.16
C SER B 48 -10.04 -6.04 -13.85
N ARG B 49 -8.91 -5.41 -13.47
CA ARG B 49 -8.87 -3.99 -13.13
C ARG B 49 -7.52 -3.36 -13.48
N VAL B 50 -7.54 -2.08 -13.89
CA VAL B 50 -6.36 -1.28 -14.22
C VAL B 50 -6.49 0.05 -13.46
N ALA B 51 -5.62 0.26 -12.44
CA ALA B 51 -5.62 1.46 -11.61
C ALA B 51 -5.12 2.70 -12.39
N PRO B 52 -5.74 3.90 -12.21
CA PRO B 52 -5.29 5.07 -12.97
C PRO B 52 -3.92 5.63 -12.55
N GLY B 53 -3.16 6.08 -13.54
CA GLY B 53 -1.83 6.66 -13.36
C GLY B 53 -0.76 5.70 -12.91
N THR B 54 -0.94 4.40 -13.21
CA THR B 54 0.00 3.34 -12.84
C THR B 54 0.70 2.78 -14.11
N PRO B 55 1.82 2.00 -13.99
CA PRO B 55 2.48 1.47 -15.21
C PRO B 55 1.60 0.75 -16.23
N ALA B 56 0.58 -0.01 -15.77
CA ALA B 56 -0.37 -0.73 -16.64
C ALA B 56 -1.29 0.22 -17.41
N ASP B 57 -1.57 1.40 -16.83
CA ASP B 57 -2.42 2.43 -17.41
C ASP B 57 -1.64 3.37 -18.34
N LEU B 58 -0.31 3.53 -18.10
CA LEU B 58 0.56 4.44 -18.85
C LEU B 58 1.44 3.80 -19.94
N CYS B 59 1.52 2.46 -20.00
CA CYS B 59 2.33 1.74 -20.99
C CYS B 59 1.77 1.85 -22.41
N VAL B 60 2.64 1.75 -23.42
CA VAL B 60 2.28 1.82 -24.84
C VAL B 60 2.60 0.47 -25.53
N PRO B 61 1.57 -0.31 -25.96
CA PRO B 61 0.12 -0.05 -25.85
C PRO B 61 -0.48 -0.39 -24.49
N ARG B 62 -1.54 0.34 -24.12
CA ARG B 62 -2.25 0.24 -22.83
C ARG B 62 -2.87 -1.13 -22.56
N LEU B 63 -2.72 -1.60 -21.31
CA LEU B 63 -3.32 -2.83 -20.82
C LEU B 63 -4.75 -2.45 -20.39
N ASN B 64 -5.75 -3.06 -21.04
CA ASN B 64 -7.16 -2.77 -20.80
C ASN B 64 -7.85 -3.85 -19.97
N GLU B 65 -8.99 -3.48 -19.34
CA GLU B 65 -9.81 -4.41 -18.54
C GLU B 65 -10.52 -5.36 -19.51
N GLY B 66 -10.50 -6.65 -19.19
CA GLY B 66 -11.10 -7.68 -20.01
C GLY B 66 -10.11 -8.40 -20.91
N ASP B 67 -8.88 -7.88 -21.01
CA ASP B 67 -7.78 -8.45 -21.81
C ASP B 67 -7.39 -9.81 -21.24
N GLN B 68 -7.27 -10.82 -22.12
CA GLN B 68 -6.90 -12.17 -21.72
C GLN B 68 -5.38 -12.32 -21.78
N VAL B 69 -4.77 -12.78 -20.68
CA VAL B 69 -3.32 -12.99 -20.62
C VAL B 69 -2.98 -14.35 -21.24
N VAL B 70 -2.13 -14.34 -22.28
CA VAL B 70 -1.71 -15.54 -23.00
C VAL B 70 -0.30 -15.95 -22.53
N LEU B 71 0.65 -15.01 -22.53
CA LEU B 71 2.02 -15.26 -22.08
C LEU B 71 2.45 -14.28 -21.01
N ILE B 72 3.24 -14.74 -20.03
CA ILE B 72 3.84 -13.93 -18.97
C ILE B 72 5.34 -14.21 -19.06
N ASN B 73 6.11 -13.19 -19.52
CA ASN B 73 7.56 -13.26 -19.73
C ASN B 73 7.94 -14.41 -20.69
N GLY B 74 7.11 -14.59 -21.72
CA GLY B 74 7.26 -15.61 -22.76
C GLY B 74 6.75 -16.99 -22.41
N ARG B 75 6.23 -17.18 -21.18
CA ARG B 75 5.76 -18.48 -20.72
C ARG B 75 4.26 -18.68 -20.98
N ASP B 76 3.89 -19.86 -21.53
CA ASP B 76 2.49 -20.24 -21.76
C ASP B 76 1.89 -20.59 -20.40
N ILE B 77 0.90 -19.80 -19.97
CA ILE B 77 0.26 -19.93 -18.66
C ILE B 77 -1.13 -20.58 -18.69
N ALA B 78 -1.50 -21.22 -19.81
CA ALA B 78 -2.78 -21.90 -20.03
C ALA B 78 -3.16 -22.94 -18.97
N GLU B 79 -2.18 -23.75 -18.52
CA GLU B 79 -2.40 -24.80 -17.52
C GLU B 79 -1.91 -24.42 -16.11
N HIS B 80 -1.51 -23.15 -15.91
CA HIS B 80 -1.03 -22.66 -14.62
C HIS B 80 -2.14 -22.10 -13.73
N THR B 81 -2.02 -22.33 -12.42
CA THR B 81 -3.00 -21.87 -11.41
C THR B 81 -2.92 -20.36 -11.19
N HIS B 82 -3.91 -19.79 -10.47
CA HIS B 82 -3.97 -18.36 -10.15
C HIS B 82 -2.72 -17.92 -9.37
N ASP B 83 -2.30 -18.70 -8.37
CA ASP B 83 -1.13 -18.43 -7.52
C ASP B 83 0.18 -18.51 -8.29
N GLN B 84 0.28 -19.44 -9.27
CA GLN B 84 1.45 -19.61 -10.12
C GLN B 84 1.59 -18.42 -11.07
N VAL B 85 0.44 -17.96 -11.63
CA VAL B 85 0.33 -16.80 -12.52
C VAL B 85 0.75 -15.52 -11.79
N VAL B 86 0.27 -15.34 -10.54
CA VAL B 86 0.60 -14.20 -9.67
C VAL B 86 2.11 -14.16 -9.39
N LEU B 87 2.70 -15.32 -9.08
CA LEU B 87 4.15 -15.44 -8.82
C LEU B 87 4.98 -15.08 -10.05
N PHE B 88 4.56 -15.53 -11.26
CA PHE B 88 5.25 -15.20 -12.52
C PHE B 88 5.33 -13.69 -12.75
N ILE B 89 4.25 -12.97 -12.41
CA ILE B 89 4.20 -11.51 -12.54
C ILE B 89 5.08 -10.87 -11.44
N LYS B 90 4.92 -11.32 -10.18
CA LYS B 90 5.67 -10.81 -9.02
C LYS B 90 7.18 -11.16 -9.00
N ALA B 91 7.62 -12.08 -9.87
CA ALA B 91 9.04 -12.48 -9.99
C ALA B 91 9.77 -11.71 -11.12
N SER B 92 9.06 -10.75 -11.78
CA SER B 92 9.61 -9.94 -12.87
C SER B 92 10.70 -8.95 -12.45
N CYS B 93 10.67 -8.50 -11.17
CA CYS B 93 11.66 -7.54 -10.66
C CYS B 93 13.04 -8.17 -10.43
N GLU B 94 13.11 -9.51 -10.41
CA GLU B 94 14.32 -10.30 -10.19
C GLU B 94 15.23 -10.36 -11.41
N ARG B 95 14.64 -10.42 -12.62
CA ARG B 95 15.39 -10.52 -13.88
C ARG B 95 16.01 -9.19 -14.30
N HIS B 96 16.84 -9.22 -15.36
CA HIS B 96 17.46 -8.06 -15.97
C HIS B 96 16.63 -7.61 -17.20
N SER B 97 16.16 -6.34 -17.25
CA SER B 97 16.38 -5.31 -16.24
C SER B 97 15.09 -4.94 -15.48
N GLY B 98 14.46 -5.95 -14.88
CA GLY B 98 13.23 -5.83 -14.11
C GLY B 98 12.03 -5.31 -14.89
N GLU B 99 11.67 -6.03 -15.96
CA GLU B 99 10.55 -5.66 -16.85
C GLU B 99 9.59 -6.84 -17.03
N LEU B 100 8.28 -6.55 -17.04
CA LEU B 100 7.23 -7.56 -17.24
C LEU B 100 6.77 -7.56 -18.69
N MET B 101 6.79 -8.75 -19.31
CA MET B 101 6.34 -8.97 -20.68
C MET B 101 5.01 -9.69 -20.61
N LEU B 102 4.00 -9.18 -21.33
CA LEU B 102 2.68 -9.78 -21.40
C LEU B 102 2.20 -9.86 -22.84
N LEU B 103 1.75 -11.06 -23.26
CA LEU B 103 1.12 -11.23 -24.57
C LEU B 103 -0.36 -11.33 -24.27
N VAL B 104 -1.14 -10.32 -24.67
CA VAL B 104 -2.57 -10.27 -24.39
C VAL B 104 -3.47 -10.26 -25.62
N ARG B 105 -4.69 -10.77 -25.45
CA ARG B 105 -5.74 -10.75 -26.47
C ARG B 105 -6.82 -9.79 -25.93
N PRO B 106 -7.01 -8.61 -26.57
CA PRO B 106 -8.02 -7.66 -26.05
C PRO B 106 -9.46 -8.11 -26.26
N ASN B 107 -10.37 -7.60 -25.41
CA ASN B 107 -11.81 -7.90 -25.45
C ASN B 107 -12.64 -6.67 -25.09
N HIS C 15 -18.78 34.13 1.64
CA HIS C 15 -19.76 33.07 1.85
C HIS C 15 -20.93 33.16 0.86
N ASP C 16 -21.88 34.08 1.10
CA ASP C 16 -23.09 34.36 0.30
C ASP C 16 -24.06 33.18 0.11
N ASN C 17 -23.75 32.24 -0.81
CA ASN C 17 -24.60 31.07 -1.09
C ASN C 17 -23.75 29.84 -1.35
N LEU C 18 -23.58 29.01 -0.30
CA LEU C 18 -22.75 27.82 -0.35
C LEU C 18 -23.52 26.50 -0.37
N VAL C 19 -22.90 25.46 -0.96
CA VAL C 19 -23.47 24.12 -1.11
C VAL C 19 -22.58 23.08 -0.41
N LEU C 20 -23.19 22.24 0.45
CA LEU C 20 -22.50 21.16 1.17
C LEU C 20 -22.65 19.85 0.41
N ILE C 21 -21.52 19.25 0.01
CA ILE C 21 -21.49 18.01 -0.77
C ILE C 21 -20.83 16.87 0.01
N ARG C 22 -21.50 15.71 0.03
CA ARG C 22 -21.03 14.49 0.70
C ARG C 22 -20.88 13.37 -0.33
N MET C 23 -19.69 12.71 -0.36
CA MET C 23 -19.41 11.62 -1.30
C MET C 23 -18.44 10.57 -0.75
N LYS C 24 -18.73 9.29 -1.01
CA LYS C 24 -17.91 8.16 -0.61
C LYS C 24 -16.99 7.78 -1.78
N PRO C 25 -15.70 7.42 -1.57
CA PRO C 25 -14.84 7.07 -2.71
C PRO C 25 -15.15 5.70 -3.30
N ASP C 26 -14.66 5.42 -4.52
CA ASP C 26 -14.86 4.12 -5.17
C ASP C 26 -13.88 3.08 -4.59
N GLU C 27 -13.85 1.86 -5.19
CA GLU C 27 -12.98 0.76 -4.76
C GLU C 27 -11.47 1.10 -4.87
N ASN C 28 -11.12 2.05 -5.75
CA ASN C 28 -9.74 2.52 -5.97
C ASN C 28 -9.41 3.78 -5.13
N GLY C 29 -10.36 4.19 -4.29
CA GLY C 29 -10.21 5.35 -3.40
C GLY C 29 -10.30 6.70 -4.10
N ARG C 30 -10.92 6.73 -5.30
CA ARG C 30 -11.08 7.95 -6.09
C ARG C 30 -12.50 8.47 -6.07
N PHE C 31 -12.68 9.78 -6.26
CA PHE C 31 -13.98 10.45 -6.27
C PHE C 31 -14.44 10.82 -7.67
N GLY C 32 -13.50 10.88 -8.61
CA GLY C 32 -13.76 11.19 -10.01
C GLY C 32 -13.91 12.66 -10.34
N PHE C 33 -13.10 13.51 -9.69
CA PHE C 33 -13.08 14.95 -9.94
C PHE C 33 -11.65 15.48 -9.95
N ASN C 34 -11.44 16.60 -10.66
CA ASN C 34 -10.12 17.23 -10.78
C ASN C 34 -10.10 18.58 -10.09
N VAL C 35 -8.97 18.90 -9.44
CA VAL C 35 -8.77 20.17 -8.74
C VAL C 35 -7.65 21.00 -9.36
N LYS C 36 -7.87 22.31 -9.42
CA LYS C 36 -6.91 23.30 -9.91
C LYS C 36 -6.81 24.40 -8.86
N GLY C 37 -5.71 25.15 -8.89
CA GLY C 37 -5.48 26.25 -7.97
C GLY C 37 -4.85 25.88 -6.64
N GLY C 38 -4.83 26.87 -5.75
CA GLY C 38 -4.23 26.80 -4.42
C GLY C 38 -3.44 28.06 -4.18
N TYR C 39 -2.99 28.27 -2.93
CA TYR C 39 -2.23 29.47 -2.54
C TYR C 39 -0.96 29.66 -3.38
N ASP C 40 -0.19 28.57 -3.63
CA ASP C 40 1.04 28.58 -4.42
C ASP C 40 0.79 28.93 -5.90
N GLN C 41 -0.40 28.55 -6.43
CA GLN C 41 -0.81 28.80 -7.81
C GLN C 41 -1.39 30.21 -8.02
N LYS C 42 -1.63 30.95 -6.90
CA LYS C 42 -2.20 32.32 -6.87
C LYS C 42 -3.63 32.37 -7.45
N MET C 43 -4.32 31.21 -7.40
CA MET C 43 -5.69 31.03 -7.91
C MET C 43 -6.52 30.25 -6.89
N PRO C 44 -7.85 30.50 -6.77
CA PRO C 44 -8.65 29.72 -5.81
C PRO C 44 -8.80 28.25 -6.21
N VAL C 45 -9.12 27.37 -5.24
CA VAL C 45 -9.31 25.94 -5.49
C VAL C 45 -10.63 25.74 -6.23
N ILE C 46 -10.55 25.34 -7.51
CA ILE C 46 -11.69 25.17 -8.42
C ILE C 46 -11.78 23.72 -8.92
N VAL C 47 -13.00 23.19 -9.05
CA VAL C 47 -13.26 21.86 -9.60
C VAL C 47 -13.15 22.05 -11.13
N SER C 48 -12.04 21.58 -11.72
CA SER C 48 -11.74 21.73 -13.14
C SER C 48 -12.36 20.66 -14.05
N ARG C 49 -12.72 19.49 -13.49
CA ARG C 49 -13.32 18.38 -14.25
C ARG C 49 -14.09 17.45 -13.32
N VAL C 50 -15.21 16.89 -13.81
CA VAL C 50 -16.06 15.92 -13.11
C VAL C 50 -16.28 14.74 -14.07
N ALA C 51 -15.73 13.56 -13.73
CA ALA C 51 -15.85 12.36 -14.55
C ALA C 51 -17.26 11.75 -14.47
N PRO C 52 -17.84 11.28 -15.59
CA PRO C 52 -19.20 10.71 -15.54
C PRO C 52 -19.27 9.32 -14.93
N GLY C 53 -20.31 9.09 -14.13
CA GLY C 53 -20.56 7.81 -13.45
C GLY C 53 -19.77 7.61 -12.17
N THR C 54 -18.94 8.59 -11.78
CA THR C 54 -18.11 8.55 -10.58
C THR C 54 -18.85 9.16 -9.37
N PRO C 55 -18.38 8.94 -8.10
CA PRO C 55 -19.08 9.52 -6.94
C PRO C 55 -19.44 11.01 -7.01
N ALA C 56 -18.54 11.84 -7.57
CA ALA C 56 -18.73 13.29 -7.73
C ALA C 56 -19.88 13.64 -8.69
N ASP C 57 -20.17 12.75 -9.64
CA ASP C 57 -21.23 12.89 -10.63
C ASP C 57 -22.58 12.39 -10.12
N LEU C 58 -22.57 11.34 -9.28
CA LEU C 58 -23.78 10.70 -8.75
C LEU C 58 -24.31 11.26 -7.42
N CYS C 59 -23.47 11.97 -6.63
CA CYS C 59 -23.89 12.55 -5.35
C CYS C 59 -24.97 13.63 -5.48
N VAL C 60 -25.84 13.75 -4.47
CA VAL C 60 -26.94 14.72 -4.44
C VAL C 60 -26.82 15.58 -3.16
N PRO C 61 -26.51 16.90 -3.26
CA PRO C 61 -26.24 17.70 -4.48
C PRO C 61 -24.94 17.34 -5.20
N ARG C 62 -24.95 17.48 -6.54
CA ARG C 62 -23.83 17.16 -7.43
C ARG C 62 -22.72 18.21 -7.40
N LEU C 63 -21.47 17.74 -7.57
CA LEU C 63 -20.29 18.60 -7.65
C LEU C 63 -20.16 19.02 -9.12
N ASN C 64 -20.10 20.34 -9.38
CA ASN C 64 -20.03 20.87 -10.73
C ASN C 64 -18.68 21.49 -11.08
N GLU C 65 -18.38 21.51 -12.39
CA GLU C 65 -17.17 22.10 -12.95
C GLU C 65 -17.29 23.63 -12.80
N GLY C 66 -16.29 24.23 -12.15
CA GLY C 66 -16.26 25.66 -11.89
C GLY C 66 -16.52 26.02 -10.43
N ASP C 67 -17.01 25.05 -9.63
CA ASP C 67 -17.29 25.24 -8.20
C ASP C 67 -16.01 25.51 -7.42
N GLN C 68 -16.03 26.54 -6.57
CA GLN C 68 -14.89 26.93 -5.74
C GLN C 68 -14.96 26.18 -4.42
N VAL C 69 -13.90 25.41 -4.09
CA VAL C 69 -13.84 24.66 -2.84
C VAL C 69 -13.50 25.61 -1.69
N VAL C 70 -14.38 25.67 -0.67
CA VAL C 70 -14.23 26.53 0.50
C VAL C 70 -13.71 25.69 1.69
N LEU C 71 -14.40 24.57 1.99
CA LEU C 71 -14.00 23.67 3.07
C LEU C 71 -13.83 22.23 2.58
N ILE C 72 -12.84 21.53 3.15
CA ILE C 72 -12.57 20.10 2.89
C ILE C 72 -12.63 19.46 4.27
N ASN C 73 -13.70 18.68 4.53
CA ASN C 73 -13.95 18.02 5.82
C ASN C 73 -13.95 19.06 6.98
N GLY C 74 -14.53 20.23 6.69
CA GLY C 74 -14.67 21.36 7.60
C GLY C 74 -13.48 22.28 7.75
N ARG C 75 -12.36 21.97 7.08
CA ARG C 75 -11.13 22.73 7.15
C ARG C 75 -11.07 23.88 6.14
N ASP C 76 -10.67 25.08 6.60
CA ASP C 76 -10.50 26.28 5.76
C ASP C 76 -9.23 26.11 4.93
N ILE C 77 -9.39 26.02 3.60
CA ILE C 77 -8.29 25.80 2.65
C ILE C 77 -7.82 27.06 1.88
N ALA C 78 -8.29 28.26 2.30
CA ALA C 78 -7.98 29.55 1.67
C ALA C 78 -6.48 29.85 1.53
N GLU C 79 -5.67 29.51 2.55
CA GLU C 79 -4.23 29.76 2.56
C GLU C 79 -3.38 28.51 2.24
N HIS C 80 -4.03 27.40 1.92
CA HIS C 80 -3.34 26.17 1.60
C HIS C 80 -2.91 26.01 0.17
N THR C 81 -1.77 25.36 -0.02
CA THR C 81 -1.21 25.14 -1.37
C THR C 81 -1.96 24.00 -2.08
N HIS C 82 -1.67 23.82 -3.38
CA HIS C 82 -2.28 22.77 -4.22
C HIS C 82 -2.03 21.37 -3.62
N ASP C 83 -0.77 21.07 -3.24
CA ASP C 83 -0.35 19.80 -2.66
C ASP C 83 -1.03 19.51 -1.32
N GLN C 84 -1.19 20.54 -0.47
CA GLN C 84 -1.85 20.43 0.85
C GLN C 84 -3.32 20.06 0.67
N VAL C 85 -4.00 20.68 -0.33
CA VAL C 85 -5.40 20.44 -0.69
C VAL C 85 -5.60 18.97 -1.11
N VAL C 86 -4.73 18.45 -2.00
CA VAL C 86 -4.74 17.07 -2.50
C VAL C 86 -4.57 16.09 -1.32
N LEU C 87 -3.65 16.42 -0.38
CA LEU C 87 -3.38 15.65 0.83
C LEU C 87 -4.63 15.55 1.73
N PHE C 88 -5.40 16.66 1.87
CA PHE C 88 -6.63 16.71 2.66
C PHE C 88 -7.75 15.85 2.06
N ILE C 89 -7.86 15.86 0.72
CA ILE C 89 -8.86 15.06 -0.02
C ILE C 89 -8.55 13.56 0.17
N LYS C 90 -7.25 13.20 0.12
CA LYS C 90 -6.77 11.82 0.28
C LYS C 90 -6.75 11.31 1.73
N ALA C 91 -6.83 12.22 2.72
CA ALA C 91 -6.83 11.87 4.15
C ALA C 91 -8.19 11.26 4.54
N SER C 92 -8.32 9.93 4.38
CA SER C 92 -9.54 9.16 4.63
C SER C 92 -10.05 9.21 6.08
N CYS C 93 -9.15 9.32 7.06
CA CYS C 93 -9.50 9.40 8.48
C CYS C 93 -10.25 10.67 8.87
N GLU C 94 -10.10 11.75 8.08
CA GLU C 94 -10.77 13.04 8.31
C GLU C 94 -12.20 13.09 7.72
N ARG C 95 -12.63 12.00 7.04
CA ARG C 95 -13.97 11.87 6.44
C ARG C 95 -15.00 11.43 7.48
N HIS C 96 -16.16 12.11 7.51
CA HIS C 96 -17.24 11.81 8.46
C HIS C 96 -18.00 10.53 8.05
N SER C 97 -17.60 9.40 8.67
CA SER C 97 -18.09 8.03 8.53
C SER C 97 -18.96 7.66 7.30
N GLY C 98 -18.37 7.53 6.11
CA GLY C 98 -16.97 7.79 5.76
C GLY C 98 -16.92 8.55 4.47
N GLU C 99 -17.68 9.66 4.41
CA GLU C 99 -17.85 10.52 3.23
C GLU C 99 -16.96 11.74 3.29
N LEU C 100 -16.42 12.14 2.13
CA LEU C 100 -15.63 13.36 1.97
C LEU C 100 -16.64 14.52 1.98
N MET C 101 -16.46 15.48 2.88
CA MET C 101 -17.34 16.64 2.99
C MET C 101 -16.68 17.82 2.28
N LEU C 102 -17.40 18.41 1.31
CA LEU C 102 -16.91 19.56 0.57
C LEU C 102 -17.92 20.69 0.62
N LEU C 103 -17.49 21.87 1.08
CA LEU C 103 -18.34 23.05 1.07
C LEU C 103 -17.87 23.88 -0.12
N VAL C 104 -18.76 24.06 -1.12
CA VAL C 104 -18.42 24.76 -2.36
C VAL C 104 -19.26 26.00 -2.65
N ARG C 105 -18.71 26.90 -3.47
CA ARG C 105 -19.36 28.11 -3.98
C ARG C 105 -19.63 27.86 -5.47
N PRO C 106 -20.91 27.72 -5.90
CA PRO C 106 -21.19 27.46 -7.32
C PRO C 106 -20.85 28.61 -8.27
N ASN C 107 -20.94 28.34 -9.59
CA ASN C 107 -20.66 29.29 -10.67
C ASN C 107 -21.57 30.53 -10.62
N ASP D 16 18.43 -4.35 18.57
CA ASP D 16 17.47 -3.29 18.90
C ASP D 16 16.07 -3.83 19.15
N ASN D 17 15.33 -3.17 20.06
CA ASN D 17 13.97 -3.57 20.43
C ASN D 17 12.92 -2.92 19.53
N LEU D 18 12.08 -3.75 18.91
CA LEU D 18 11.00 -3.32 18.04
C LEU D 18 9.65 -3.77 18.60
N VAL D 19 8.74 -2.82 18.81
CA VAL D 19 7.41 -3.07 19.37
C VAL D 19 6.33 -2.87 18.31
N LEU D 20 5.47 -3.89 18.13
CA LEU D 20 4.37 -3.87 17.17
C LEU D 20 3.08 -3.38 17.84
N ILE D 21 2.62 -2.18 17.43
CA ILE D 21 1.42 -1.54 17.99
C ILE D 21 0.28 -1.46 16.97
N ARG D 22 -0.92 -1.89 17.39
CA ARG D 22 -2.14 -1.85 16.58
C ARG D 22 -3.21 -1.04 17.29
N MET D 23 -3.83 -0.09 16.56
CA MET D 23 -4.88 0.78 17.11
C MET D 23 -5.96 1.18 16.10
N LYS D 24 -7.20 1.25 16.59
CA LYS D 24 -8.36 1.69 15.81
C LYS D 24 -8.62 3.16 16.12
N PRO D 25 -9.04 4.00 15.14
CA PRO D 25 -9.25 5.42 15.45
C PRO D 25 -10.53 5.67 16.25
N ASP D 26 -10.67 6.88 16.83
CA ASP D 26 -11.88 7.26 17.57
C ASP D 26 -13.03 7.60 16.59
N GLU D 27 -14.15 8.14 17.10
CA GLU D 27 -15.32 8.53 16.31
C GLU D 27 -15.01 9.60 15.25
N ASN D 28 -14.00 10.46 15.51
CA ASN D 28 -13.58 11.53 14.61
C ASN D 28 -12.44 11.10 13.66
N GLY D 29 -12.03 9.83 13.74
CA GLY D 29 -10.98 9.26 12.91
C GLY D 29 -9.57 9.62 13.37
N ARG D 30 -9.43 10.05 14.63
CA ARG D 30 -8.15 10.43 15.20
C ARG D 30 -7.55 9.33 16.06
N PHE D 31 -6.22 9.16 15.99
CA PHE D 31 -5.51 8.14 16.79
C PHE D 31 -5.05 8.72 18.13
N GLY D 32 -4.93 10.04 18.20
CA GLY D 32 -4.57 10.76 19.41
C GLY D 32 -3.10 10.90 19.71
N PHE D 33 -2.27 11.02 18.66
CA PHE D 33 -0.83 11.20 18.82
C PHE D 33 -0.26 12.19 17.81
N ASN D 34 0.89 12.79 18.13
CA ASN D 34 1.56 13.75 17.27
C ASN D 34 2.84 13.16 16.68
N VAL D 35 3.16 13.55 15.44
CA VAL D 35 4.36 13.09 14.74
C VAL D 35 5.27 14.24 14.37
N LYS D 36 6.57 14.04 14.56
CA LYS D 36 7.64 14.96 14.20
C LYS D 36 8.66 14.18 13.38
N GLY D 37 9.41 14.89 12.54
CA GLY D 37 10.43 14.28 11.70
C GLY D 37 9.98 13.88 10.31
N GLY D 38 10.88 13.19 9.61
CA GLY D 38 10.70 12.75 8.23
C GLY D 38 11.95 13.04 7.44
N TYR D 39 12.07 12.47 6.22
CA TYR D 39 13.23 12.64 5.36
C TYR D 39 13.55 14.11 5.05
N ASP D 40 12.52 14.90 4.66
CA ASP D 40 12.64 16.33 4.35
C ASP D 40 13.04 17.17 5.57
N GLN D 41 12.69 16.69 6.77
CA GLN D 41 12.97 17.34 8.07
C GLN D 41 14.38 17.01 8.58
N LYS D 42 15.08 16.04 7.94
CA LYS D 42 16.44 15.56 8.29
C LYS D 42 16.49 14.96 9.71
N MET D 43 15.33 14.51 10.21
CA MET D 43 15.14 13.93 11.54
C MET D 43 14.33 12.64 11.45
N PRO D 44 14.54 11.64 12.35
CA PRO D 44 13.71 10.42 12.27
C PRO D 44 12.27 10.68 12.70
N VAL D 45 11.33 9.81 12.29
CA VAL D 45 9.91 9.95 12.64
C VAL D 45 9.74 9.57 14.11
N ILE D 46 9.44 10.57 14.95
CA ILE D 46 9.28 10.44 16.40
C ILE D 46 7.87 10.80 16.84
N VAL D 47 7.32 10.06 17.81
CA VAL D 47 6.01 10.33 18.41
C VAL D 47 6.29 11.44 19.44
N SER D 48 5.98 12.70 19.06
CA SER D 48 6.26 13.89 19.87
C SER D 48 5.30 14.14 21.04
N ARG D 49 4.05 13.64 20.96
CA ARG D 49 3.03 13.83 22.00
C ARG D 49 1.96 12.76 21.91
N VAL D 50 1.47 12.29 23.09
CA VAL D 50 0.39 11.30 23.20
C VAL D 50 -0.68 11.92 24.12
N ALA D 51 -1.87 12.23 23.56
CA ALA D 51 -2.99 12.82 24.30
C ALA D 51 -3.66 11.78 25.20
N PRO D 52 -4.06 12.12 26.45
CA PRO D 52 -4.69 11.11 27.33
C PRO D 52 -6.11 10.73 26.91
N GLY D 53 -6.47 9.47 27.18
CA GLY D 53 -7.79 8.91 26.89
C GLY D 53 -8.05 8.56 25.44
N THR D 54 -7.07 8.81 24.57
CA THR D 54 -7.14 8.55 23.14
C THR D 54 -6.68 7.12 22.80
N PRO D 55 -6.99 6.57 21.59
CA PRO D 55 -6.55 5.20 21.26
C PRO D 55 -5.05 4.90 21.38
N ALA D 56 -4.18 5.90 21.12
CA ALA D 56 -2.72 5.76 21.23
C ALA D 56 -2.28 5.59 22.69
N ASP D 57 -3.01 6.21 23.62
CA ASP D 57 -2.76 6.17 25.06
C ASP D 57 -3.40 4.92 25.71
N LEU D 58 -4.45 4.37 25.07
CA LEU D 58 -5.23 3.23 25.57
C LEU D 58 -4.87 1.85 25.02
N CYS D 59 -4.25 1.77 23.82
CA CYS D 59 -3.87 0.50 23.17
C CYS D 59 -2.85 -0.33 23.95
N VAL D 60 -2.88 -1.67 23.76
CA VAL D 60 -1.98 -2.61 24.44
C VAL D 60 -1.10 -3.33 23.38
N PRO D 61 0.23 -3.06 23.30
CA PRO D 61 1.04 -2.13 24.13
C PRO D 61 0.86 -0.65 23.76
N ARG D 62 1.04 0.23 24.76
CA ARG D 62 0.87 1.68 24.64
C ARG D 62 1.96 2.34 23.79
N LEU D 63 1.56 3.32 22.98
CA LEU D 63 2.47 4.13 22.17
C LEU D 63 2.96 5.25 23.09
N ASN D 64 4.28 5.33 23.29
CA ASN D 64 4.90 6.30 24.19
C ASN D 64 5.57 7.46 23.45
N GLU D 65 5.70 8.59 24.16
CA GLU D 65 6.37 9.80 23.68
C GLU D 65 7.87 9.51 23.55
N GLY D 66 8.44 9.83 22.39
CA GLY D 66 9.84 9.59 22.09
C GLY D 66 10.10 8.33 21.27
N ASP D 67 9.03 7.53 21.01
CA ASP D 67 9.12 6.31 20.21
C ASP D 67 9.41 6.64 18.76
N GLN D 68 10.39 5.94 18.16
CA GLN D 68 10.75 6.13 16.76
C GLN D 68 9.92 5.20 15.89
N VAL D 69 9.15 5.77 14.95
CA VAL D 69 8.32 4.99 14.04
C VAL D 69 9.22 4.41 12.94
N VAL D 70 9.17 3.07 12.77
CA VAL D 70 9.96 2.33 11.78
C VAL D 70 9.07 1.92 10.60
N LEU D 71 7.91 1.28 10.89
CA LEU D 71 6.96 0.87 9.88
C LEU D 71 5.57 1.43 10.16
N ILE D 72 4.85 1.81 9.09
CA ILE D 72 3.47 2.30 9.13
C ILE D 72 2.71 1.40 8.17
N ASN D 73 1.81 0.55 8.71
CA ASN D 73 1.01 -0.41 7.95
C ASN D 73 1.89 -1.32 7.06
N GLY D 74 3.04 -1.71 7.61
CA GLY D 74 4.02 -2.57 6.95
C GLY D 74 5.00 -1.89 6.01
N ARG D 75 4.87 -0.56 5.82
CA ARG D 75 5.73 0.19 4.92
C ARG D 75 6.94 0.81 5.61
N ASP D 76 8.14 0.65 5.00
CA ASP D 76 9.40 1.24 5.49
C ASP D 76 9.35 2.73 5.13
N ILE D 77 9.25 3.58 6.16
CA ILE D 77 9.11 5.04 6.02
C ILE D 77 10.42 5.83 6.20
N ALA D 78 11.58 5.15 6.18
CA ALA D 78 12.91 5.75 6.36
C ALA D 78 13.22 6.89 5.38
N GLU D 79 12.83 6.74 4.11
CA GLU D 79 13.08 7.75 3.06
C GLU D 79 11.87 8.63 2.74
N HIS D 80 10.74 8.44 3.44
CA HIS D 80 9.52 9.21 3.22
C HIS D 80 9.51 10.55 3.96
N THR D 81 8.88 11.56 3.34
CA THR D 81 8.76 12.92 3.89
C THR D 81 7.72 12.95 5.02
N HIS D 82 7.70 14.05 5.80
CA HIS D 82 6.75 14.27 6.90
C HIS D 82 5.31 14.18 6.38
N ASP D 83 5.01 14.84 5.24
CA ASP D 83 3.70 14.85 4.59
C ASP D 83 3.26 13.45 4.13
N GLN D 84 4.21 12.65 3.61
CA GLN D 84 3.95 11.27 3.15
C GLN D 84 3.60 10.38 4.34
N VAL D 85 4.35 10.51 5.46
CA VAL D 85 4.17 9.78 6.71
C VAL D 85 2.76 10.05 7.28
N VAL D 86 2.36 11.34 7.34
CA VAL D 86 1.05 11.78 7.83
C VAL D 86 -0.07 11.16 6.96
N LEU D 87 0.11 11.17 5.63
CA LEU D 87 -0.85 10.59 4.68
C LEU D 87 -1.01 9.08 4.90
N PHE D 88 0.10 8.36 5.16
CA PHE D 88 0.08 6.91 5.43
C PHE D 88 -0.74 6.59 6.67
N ILE D 89 -0.63 7.43 7.72
CA ILE D 89 -1.38 7.26 8.97
C ILE D 89 -2.86 7.59 8.73
N LYS D 90 -3.14 8.73 8.07
CA LYS D 90 -4.49 9.21 7.78
C LYS D 90 -5.26 8.39 6.72
N ALA D 91 -4.57 7.46 6.02
CA ALA D 91 -5.18 6.57 5.02
C ALA D 91 -5.56 5.20 5.61
N SER D 92 -5.35 5.02 6.93
CA SER D 92 -5.66 3.77 7.65
C SER D 92 -7.15 3.48 7.76
N CYS D 93 -8.00 4.53 7.75
CA CYS D 93 -9.45 4.41 7.89
C CYS D 93 -10.16 3.78 6.68
N GLU D 94 -9.55 3.84 5.48
CA GLU D 94 -10.14 3.27 4.26
C GLU D 94 -9.73 1.81 3.97
N ARG D 95 -8.62 1.34 4.56
CA ARG D 95 -8.13 -0.03 4.35
C ARG D 95 -9.04 -1.09 4.98
N HIS D 96 -8.97 -2.34 4.45
CA HIS D 96 -9.75 -3.53 4.82
C HIS D 96 -10.08 -3.69 6.31
N SER D 97 -9.08 -3.47 7.18
CA SER D 97 -9.23 -3.59 8.64
C SER D 97 -9.70 -2.30 9.31
N GLY D 98 -9.32 -1.15 8.75
CA GLY D 98 -9.63 0.17 9.29
C GLY D 98 -8.83 0.44 10.55
N GLU D 99 -7.66 -0.19 10.65
CA GLU D 99 -6.74 -0.15 11.77
C GLU D 99 -5.35 0.35 11.35
N LEU D 100 -4.60 0.96 12.29
CA LEU D 100 -3.25 1.46 12.06
C LEU D 100 -2.23 0.53 12.72
N MET D 101 -1.28 0.03 11.92
CA MET D 101 -0.19 -0.83 12.41
C MET D 101 1.07 0.02 12.45
N LEU D 102 1.76 0.01 13.60
CA LEU D 102 3.02 0.72 13.78
C LEU D 102 4.08 -0.19 14.36
N LEU D 103 5.28 -0.18 13.77
CA LEU D 103 6.43 -0.89 14.32
C LEU D 103 7.31 0.23 14.86
N VAL D 104 7.45 0.28 16.19
CA VAL D 104 8.21 1.35 16.83
C VAL D 104 9.44 0.90 17.60
N ARG D 105 10.42 1.80 17.72
CA ARG D 105 11.64 1.62 18.50
C ARG D 105 11.53 2.60 19.70
N PRO D 106 11.24 2.10 20.92
CA PRO D 106 11.12 3.03 22.05
C PRO D 106 12.46 3.50 22.60
N ASN D 107 12.64 4.84 22.72
CA ASN D 107 13.85 5.47 23.24
C ASN D 107 13.55 6.86 23.81
N GLY E 8 3.53 -31.89 8.62
CA GLY E 8 4.77 -31.19 8.92
C GLY E 8 5.52 -30.75 7.69
N ARG E 9 4.88 -29.89 6.86
CA ARG E 9 5.44 -29.35 5.62
C ARG E 9 6.64 -28.43 5.86
N GLU E 10 7.71 -28.65 5.09
CA GLU E 10 8.95 -27.86 5.15
C GLU E 10 9.40 -27.50 3.74
N THR E 11 9.66 -26.19 3.50
CA THR E 11 10.08 -25.69 2.18
C THR E 11 11.41 -24.95 2.27
N GLU E 12 12.35 -25.27 1.36
CA GLU E 12 13.66 -24.63 1.26
C GLU E 12 13.50 -23.38 0.40
N VAL E 13 13.79 -22.20 0.97
CA VAL E 13 13.71 -20.91 0.26
C VAL E 13 15.06 -20.17 0.19
N GLY F 8 -13.46 -17.54 -7.64
CA GLY F 8 -13.30 -16.30 -8.38
C GLY F 8 -12.37 -15.31 -7.70
N ARG F 9 -11.15 -15.78 -7.35
CA ARG F 9 -10.12 -14.98 -6.68
C ARG F 9 -9.52 -13.90 -7.58
N GLU F 10 -9.23 -12.73 -6.99
CA GLU F 10 -8.65 -11.57 -7.64
C GLU F 10 -7.42 -11.13 -6.84
N THR F 11 -6.32 -10.82 -7.54
CA THR F 11 -5.05 -10.40 -6.90
C THR F 11 -4.48 -9.14 -7.55
N GLU F 12 -4.05 -8.18 -6.71
CA GLU F 12 -3.42 -6.94 -7.14
C GLU F 12 -1.94 -7.21 -7.39
N VAL F 13 -1.44 -6.85 -8.60
CA VAL F 13 -0.04 -7.04 -8.99
C VAL F 13 0.64 -5.74 -9.42
N GLY G 8 -1.27 26.59 -14.90
CA GLY G 8 -1.16 26.15 -13.52
C GLY G 8 -0.83 24.68 -13.38
N ARG G 9 -1.53 23.98 -12.46
CA ARG G 9 -1.35 22.56 -12.18
C ARG G 9 -2.69 21.91 -11.81
N GLU G 10 -2.94 20.70 -12.35
CA GLU G 10 -4.18 19.95 -12.14
C GLU G 10 -3.89 18.55 -11.59
N THR G 11 -4.73 18.08 -10.63
CA THR G 11 -4.60 16.76 -10.01
C THR G 11 -5.94 16.02 -10.03
N GLU G 12 -5.92 14.74 -10.48
CA GLU G 12 -7.10 13.88 -10.53
C GLU G 12 -7.27 13.20 -9.17
N VAL G 13 -8.44 13.41 -8.54
CA VAL G 13 -8.75 12.83 -7.22
C VAL G 13 -10.07 12.01 -7.22
N GLY H 8 11.20 22.19 12.29
CA GLY H 8 10.67 21.07 13.07
C GLY H 8 9.16 21.02 13.09
N ARG H 9 8.57 20.52 11.99
CA ARG H 9 7.11 20.38 11.82
C ARG H 9 6.51 19.30 12.72
N GLU H 10 5.30 19.56 13.23
CA GLU H 10 4.54 18.65 14.08
C GLU H 10 3.10 18.57 13.57
N THR H 11 2.58 17.35 13.40
CA THR H 11 1.22 17.12 12.91
C THR H 11 0.46 16.17 13.83
N GLU H 12 -0.82 16.51 14.11
CA GLU H 12 -1.72 15.71 14.94
C GLU H 12 -2.39 14.65 14.07
N VAL H 13 -2.39 13.39 14.52
CA VAL H 13 -3.00 12.27 13.81
C VAL H 13 -3.95 11.45 14.70
#